data_1UZF
#
_entry.id   1UZF
#
_cell.length_a   56.650
_cell.length_b   84.900
_cell.length_c   133.500
_cell.angle_alpha   90.00
_cell.angle_beta   90.00
_cell.angle_gamma   90.00
#
_symmetry.space_group_name_H-M   'P 21 21 21'
#
loop_
_entity.id
_entity.type
_entity.pdbx_description
1 polymer 'ANGIOTENSIN CONVERTING ENZYME'
2 non-polymer 2-acetamido-2-deoxy-beta-D-glucopyranose
3 non-polymer 'ZINC ION'
4 non-polymer '1-(3-MERCAPTO-2-METHYL-PROPIONYL)-PYRROLIDINE-2-CARBOXYLIC ACID'
5 non-polymer 'CHLORIDE ION'
6 water water
#
_entity_poly.entity_id   1
_entity_poly.type   'polypeptide(L)'
_entity_poly.pdbx_seq_one_letter_code
;LVTDEAEASKFVEEYDRTSQVVWNEYAEANWNYNTNITTETSKILLQKNMQIANHTLKYGTQARKFDVNQLQNTTIKRII
KKVQDLERAALPAQELEEYNKILLDMETTYSVATVCHPNGSCLQLEPDLTNVMATSRKYEDLLWAWEGWRDKAGRAILQF
YPKYVELINQAARLNGYVDAGDSWRSMYETPSLEQDLERLFQELQPLYLNLHAYVRRALHRHYGAQHINLEGPIPAHLLG
NMWAQTWSNIYDLVVPFPSAPSMDTTEAMLKQGWTPRRMFKEADDFFTSLGLLPVPPEFWNKSMLEKPTDGREVVCHASA
WDFYNGKDFRIKQCTTVNLEDLVVAHHEMGHIQYFMQYKDLPVALREGANPGFHEAIGDVLALSVSTPKHLHSLNLLSSE
GGSDEHDINFLMKMALDKIAFIPFSYLVDQWRWRVFDGSITKENYNQEWWSLRLKYQGLCPPVPRTQGDFDPGAKFHIPS
SVPYIRYFVSFIIQFQFHEALCQAAGHTGPLHKCDIYQSKEAGQRLATAMKLGFSRPWPEAMQLITGQPNMSASAMLSYF
KPLLDWLRTENELHGEKLGWPQYNWTPNS
;
_entity_poly.pdbx_strand_id   A
#
# COMPACT_ATOMS: atom_id res chain seq x y z
N ASP A 4 35.15 -3.43 -23.27
CA ASP A 4 33.74 -3.89 -23.52
C ASP A 4 32.74 -2.82 -23.07
N GLU A 5 33.18 -1.56 -23.08
CA GLU A 5 32.32 -0.44 -22.68
C GLU A 5 31.28 -0.13 -23.75
N ALA A 6 31.72 -0.11 -25.01
CA ALA A 6 30.84 0.17 -26.13
C ALA A 6 29.78 -0.93 -26.27
N GLU A 7 30.18 -2.16 -25.96
CA GLU A 7 29.26 -3.29 -26.03
C GLU A 7 28.17 -3.10 -24.99
N ALA A 8 28.54 -2.51 -23.85
CA ALA A 8 27.60 -2.26 -22.77
C ALA A 8 26.46 -1.36 -23.23
N SER A 9 26.80 -0.20 -23.79
CA SER A 9 25.80 0.75 -24.28
C SER A 9 24.87 0.08 -25.28
N LYS A 10 25.44 -0.65 -26.24
CA LYS A 10 24.65 -1.34 -27.25
C LYS A 10 23.66 -2.28 -26.60
N PHE A 11 24.16 -3.11 -25.69
CA PHE A 11 23.32 -4.08 -24.98
C PHE A 11 22.13 -3.42 -24.31
N VAL A 12 22.39 -2.33 -23.58
CA VAL A 12 21.33 -1.62 -22.89
C VAL A 12 20.30 -1.05 -23.85
N GLU A 13 20.78 -0.50 -24.97
CA GLU A 13 19.88 0.07 -25.95
C GLU A 13 18.98 -1.03 -26.51
N GLU A 14 19.56 -2.19 -26.76
CA GLU A 14 18.80 -3.31 -27.29
C GLU A 14 17.85 -3.89 -26.25
N TYR A 15 18.33 -4.01 -25.01
CA TYR A 15 17.49 -4.50 -23.94
C TYR A 15 16.25 -3.61 -23.83
N ASP A 16 16.47 -2.30 -23.86
CA ASP A 16 15.37 -1.35 -23.73
C ASP A 16 14.32 -1.44 -24.83
N ARG A 17 14.76 -1.44 -26.10
CA ARG A 17 13.83 -1.52 -27.23
C ARG A 17 12.95 -2.75 -27.14
N THR A 18 13.58 -3.90 -26.98
CA THR A 18 12.87 -5.16 -26.90
C THR A 18 11.99 -5.30 -25.64
N SER A 19 12.50 -4.84 -24.50
CA SER A 19 11.75 -4.93 -23.26
C SER A 19 10.47 -4.12 -23.33
N GLN A 20 10.51 -2.98 -24.03
CA GLN A 20 9.32 -2.16 -24.16
C GLN A 20 8.20 -2.93 -24.85
N VAL A 21 8.56 -3.63 -25.92
CA VAL A 21 7.60 -4.41 -26.68
C VAL A 21 7.02 -5.56 -25.87
N VAL A 22 7.88 -6.42 -25.35
CA VAL A 22 7.43 -7.56 -24.58
C VAL A 22 6.67 -7.18 -23.31
N TRP A 23 7.16 -6.18 -22.57
CA TRP A 23 6.49 -5.76 -21.35
C TRP A 23 5.14 -5.13 -21.62
N ASN A 24 5.00 -4.44 -22.75
CA ASN A 24 3.73 -3.84 -23.09
C ASN A 24 2.74 -4.95 -23.39
N GLU A 25 3.20 -5.99 -24.09
CA GLU A 25 2.35 -7.11 -24.42
C GLU A 25 1.91 -7.84 -23.16
N TYR A 26 2.83 -8.00 -22.21
CA TYR A 26 2.51 -8.68 -20.97
C TYR A 26 1.47 -7.91 -20.18
N ALA A 27 1.61 -6.59 -20.12
CA ALA A 27 0.68 -5.76 -19.38
C ALA A 27 -0.73 -5.99 -19.93
N GLU A 28 -0.80 -6.13 -21.26
CA GLU A 28 -2.07 -6.35 -21.94
C GLU A 28 -2.77 -7.58 -21.39
N ALA A 29 -2.10 -8.72 -21.44
CA ALA A 29 -2.68 -9.96 -20.95
C ALA A 29 -2.97 -9.86 -19.45
N ASN A 30 -2.03 -9.28 -18.70
CA ASN A 30 -2.19 -9.15 -17.26
C ASN A 30 -3.43 -8.30 -16.94
N TRP A 31 -3.62 -7.23 -17.69
CA TRP A 31 -4.76 -6.35 -17.49
C TRP A 31 -6.08 -7.07 -17.78
N ASN A 32 -6.11 -7.81 -18.90
CA ASN A 32 -7.32 -8.52 -19.27
C ASN A 32 -7.75 -9.53 -18.21
N TYR A 33 -6.77 -10.16 -17.57
CA TYR A 33 -7.07 -11.14 -16.52
C TYR A 33 -7.61 -10.41 -15.28
N ASN A 34 -6.91 -9.33 -14.89
CA ASN A 34 -7.29 -8.54 -13.72
C ASN A 34 -8.67 -7.90 -13.83
N THR A 35 -9.05 -7.50 -15.04
CA THR A 35 -10.34 -6.85 -15.28
C THR A 35 -11.42 -7.80 -15.83
N ASN A 36 -11.11 -9.10 -15.87
CA ASN A 36 -12.05 -10.10 -16.37
C ASN A 36 -11.45 -11.48 -16.08
N ILE A 37 -11.54 -11.91 -14.83
CA ILE A 37 -11.01 -13.20 -14.44
C ILE A 37 -11.82 -14.34 -15.06
N THR A 38 -11.17 -15.11 -15.94
CA THR A 38 -11.83 -16.25 -16.59
C THR A 38 -10.77 -17.30 -16.88
N THR A 39 -11.22 -18.44 -17.43
CA THR A 39 -10.30 -19.52 -17.76
C THR A 39 -9.42 -19.10 -18.94
N GLU A 40 -10.04 -18.42 -19.91
CA GLU A 40 -9.31 -17.97 -21.09
C GLU A 40 -8.26 -16.92 -20.76
N THR A 41 -8.68 -15.83 -20.11
CA THR A 41 -7.75 -14.76 -19.75
C THR A 41 -6.61 -15.31 -18.89
N SER A 42 -6.92 -16.25 -18.01
CA SER A 42 -5.90 -16.85 -17.15
C SER A 42 -4.91 -17.63 -18.01
N LYS A 43 -5.45 -18.46 -18.89
CA LYS A 43 -4.63 -19.28 -19.78
C LYS A 43 -3.68 -18.40 -20.58
N ILE A 44 -4.22 -17.35 -21.19
CA ILE A 44 -3.40 -16.44 -21.98
C ILE A 44 -2.33 -15.76 -21.12
N LEU A 45 -2.70 -15.34 -19.92
CA LEU A 45 -1.74 -14.69 -19.03
C LEU A 45 -0.57 -15.63 -18.77
N LEU A 46 -0.87 -16.88 -18.43
CA LEU A 46 0.16 -17.85 -18.14
C LEU A 46 1.08 -18.09 -19.33
N GLN A 47 0.50 -18.06 -20.54
CA GLN A 47 1.27 -18.24 -21.76
C GLN A 47 2.24 -17.08 -21.94
N LYS A 48 1.74 -15.87 -21.72
CA LYS A 48 2.55 -14.66 -21.84
C LYS A 48 3.67 -14.64 -20.80
N ASN A 49 3.44 -15.28 -19.66
CA ASN A 49 4.46 -15.34 -18.61
C ASN A 49 5.71 -16.02 -19.18
N MET A 50 5.51 -17.16 -19.82
CA MET A 50 6.62 -17.90 -20.39
C MET A 50 7.32 -17.10 -21.49
N GLN A 51 6.56 -16.31 -22.24
CA GLN A 51 7.14 -15.50 -23.30
C GLN A 51 8.06 -14.42 -22.72
N ILE A 52 7.57 -13.69 -21.73
CA ILE A 52 8.37 -12.63 -21.12
C ILE A 52 9.58 -13.23 -20.38
N ALA A 53 9.40 -14.42 -19.80
CA ALA A 53 10.49 -15.08 -19.09
C ALA A 53 11.59 -15.40 -20.09
N ASN A 54 11.18 -15.84 -21.28
CA ASN A 54 12.12 -16.19 -22.34
C ASN A 54 12.98 -14.97 -22.63
N HIS A 55 12.35 -13.80 -22.77
CA HIS A 55 13.05 -12.56 -23.03
C HIS A 55 14.02 -12.28 -21.89
N THR A 56 13.50 -12.36 -20.68
CA THR A 56 14.29 -12.10 -19.49
C THR A 56 15.53 -12.97 -19.42
N LEU A 57 15.36 -14.27 -19.65
CA LEU A 57 16.48 -15.19 -19.60
C LEU A 57 17.53 -14.84 -20.66
N LYS A 58 17.06 -14.59 -21.89
CA LYS A 58 17.96 -14.25 -22.99
C LYS A 58 18.86 -13.08 -22.66
N TYR A 59 18.26 -11.97 -22.22
CA TYR A 59 19.04 -10.79 -21.90
C TYR A 59 19.72 -10.87 -20.54
N GLY A 60 19.08 -11.54 -19.59
CA GLY A 60 19.67 -11.68 -18.27
C GLY A 60 20.96 -12.48 -18.35
N THR A 61 20.99 -13.46 -19.26
CA THR A 61 22.17 -14.29 -19.46
C THR A 61 23.30 -13.46 -20.03
N GLN A 62 23.01 -12.66 -21.06
CA GLN A 62 24.01 -11.80 -21.68
C GLN A 62 24.56 -10.80 -20.64
N ALA A 63 23.64 -10.17 -19.91
CA ALA A 63 24.01 -9.19 -18.90
C ALA A 63 25.02 -9.72 -17.88
N ARG A 64 24.87 -10.99 -17.52
CA ARG A 64 25.75 -11.61 -16.54
C ARG A 64 27.16 -11.80 -17.04
N LYS A 65 27.34 -11.76 -18.36
CA LYS A 65 28.66 -11.93 -18.95
C LYS A 65 29.46 -10.63 -18.84
N PHE A 66 28.79 -9.56 -18.43
CA PHE A 66 29.45 -8.27 -18.26
C PHE A 66 29.97 -8.14 -16.85
N ASP A 67 31.25 -7.82 -16.70
CA ASP A 67 31.80 -7.62 -15.37
C ASP A 67 31.44 -6.19 -15.05
N VAL A 68 30.31 -6.00 -14.38
CA VAL A 68 29.84 -4.68 -14.03
C VAL A 68 30.92 -3.84 -13.34
N ASN A 69 31.78 -4.49 -12.58
CA ASN A 69 32.85 -3.79 -11.87
C ASN A 69 33.70 -2.97 -12.84
N GLN A 70 33.97 -3.53 -14.02
CA GLN A 70 34.79 -2.89 -15.03
C GLN A 70 34.10 -1.78 -15.82
N LEU A 71 32.79 -1.67 -15.69
CA LEU A 71 32.04 -0.63 -16.43
C LEU A 71 32.18 0.77 -15.85
N GLN A 72 32.40 1.73 -16.74
CA GLN A 72 32.55 3.14 -16.34
C GLN A 72 31.23 3.85 -16.12
N ASN A 73 30.53 4.15 -17.22
CA ASN A 73 29.24 4.84 -17.15
C ASN A 73 28.39 4.24 -16.03
N THR A 74 28.13 5.05 -15.00
CA THR A 74 27.35 4.58 -13.86
C THR A 74 25.89 4.27 -14.21
N THR A 75 25.31 5.02 -15.14
CA THR A 75 23.93 4.80 -15.54
C THR A 75 23.79 3.47 -16.27
N ILE A 76 24.83 3.10 -17.02
CA ILE A 76 24.83 1.84 -17.75
C ILE A 76 25.15 0.71 -16.77
N LYS A 77 26.12 0.96 -15.91
CA LYS A 77 26.55 0.01 -14.89
C LYS A 77 25.32 -0.42 -14.08
N ARG A 78 24.49 0.55 -13.73
CA ARG A 78 23.29 0.35 -12.94
C ARG A 78 22.22 -0.52 -13.63
N ILE A 79 21.95 -0.24 -14.91
CA ILE A 79 20.96 -1.01 -15.66
C ILE A 79 21.38 -2.47 -15.82
N ILE A 80 22.62 -2.68 -16.23
CA ILE A 80 23.13 -4.03 -16.43
C ILE A 80 23.10 -4.85 -15.15
N LYS A 81 23.42 -4.23 -14.03
CA LYS A 81 23.39 -4.94 -12.75
C LYS A 81 21.96 -5.41 -12.46
N LYS A 82 20.98 -4.58 -12.82
CA LYS A 82 19.59 -4.92 -12.60
C LYS A 82 19.11 -6.04 -13.53
N VAL A 83 19.61 -6.04 -14.78
CA VAL A 83 19.21 -7.06 -15.74
C VAL A 83 19.81 -8.43 -15.42
N GLN A 84 20.84 -8.46 -14.60
CA GLN A 84 21.48 -9.71 -14.22
C GLN A 84 20.57 -10.48 -13.27
N ASP A 85 19.57 -9.80 -12.72
CA ASP A 85 18.60 -10.42 -11.83
C ASP A 85 17.44 -10.89 -12.70
N LEU A 86 17.29 -12.20 -12.86
CA LEU A 86 16.23 -12.76 -13.69
C LEU A 86 14.89 -12.91 -12.98
N GLU A 87 14.88 -12.77 -11.66
CA GLU A 87 13.65 -12.92 -10.89
C GLU A 87 13.16 -14.35 -11.12
N ARG A 88 11.85 -14.53 -11.26
CA ARG A 88 11.28 -15.86 -11.46
C ARG A 88 11.82 -16.57 -12.71
N ALA A 89 12.23 -15.78 -13.70
CA ALA A 89 12.76 -16.35 -14.93
C ALA A 89 14.00 -17.20 -14.69
N ALA A 90 14.58 -17.10 -13.49
CA ALA A 90 15.76 -17.89 -13.16
C ALA A 90 15.38 -19.34 -12.86
N LEU A 91 14.10 -19.58 -12.59
CA LEU A 91 13.62 -20.93 -12.27
C LEU A 91 13.59 -21.86 -13.48
N PRO A 92 13.94 -23.14 -13.28
CA PRO A 92 13.91 -24.07 -14.41
C PRO A 92 12.49 -24.03 -14.94
N ALA A 93 12.33 -24.22 -16.25
CA ALA A 93 11.01 -24.20 -16.90
C ALA A 93 9.87 -24.87 -16.14
N GLN A 94 10.12 -26.07 -15.62
CA GLN A 94 9.08 -26.80 -14.91
C GLN A 94 8.60 -26.05 -13.66
N GLU A 95 9.54 -25.57 -12.86
CA GLU A 95 9.19 -24.83 -11.65
C GLU A 95 8.58 -23.47 -11.98
N LEU A 96 9.07 -22.82 -13.04
CA LEU A 96 8.55 -21.53 -13.42
C LEU A 96 7.07 -21.65 -13.73
N GLU A 97 6.73 -22.69 -14.48
CA GLU A 97 5.34 -22.94 -14.85
C GLU A 97 4.48 -23.18 -13.62
N GLU A 98 4.97 -24.03 -12.71
CA GLU A 98 4.24 -24.32 -11.49
C GLU A 98 4.11 -23.05 -10.65
N TYR A 99 5.20 -22.29 -10.58
CA TYR A 99 5.20 -21.05 -9.81
C TYR A 99 4.17 -20.05 -10.34
N ASN A 100 4.20 -19.79 -11.65
CA ASN A 100 3.26 -18.85 -12.24
C ASN A 100 1.81 -19.28 -11.99
N LYS A 101 1.57 -20.59 -11.98
CA LYS A 101 0.21 -21.08 -11.74
C LYS A 101 -0.21 -20.90 -10.29
N ILE A 102 0.73 -21.14 -9.37
CA ILE A 102 0.45 -20.98 -7.95
C ILE A 102 -0.03 -19.54 -7.73
N LEU A 103 0.76 -18.59 -8.26
CA LEU A 103 0.43 -17.18 -8.13
C LEU A 103 -0.96 -16.88 -8.66
N LEU A 104 -1.26 -17.39 -9.85
CA LEU A 104 -2.56 -17.15 -10.46
C LEU A 104 -3.69 -17.80 -9.67
N ASP A 105 -3.44 -18.98 -9.12
CA ASP A 105 -4.47 -19.67 -8.36
C ASP A 105 -4.76 -18.94 -7.05
N MET A 106 -3.71 -18.42 -6.41
CA MET A 106 -3.91 -17.69 -5.16
C MET A 106 -4.67 -16.40 -5.43
N GLU A 107 -4.27 -15.68 -6.46
CA GLU A 107 -4.92 -14.43 -6.82
C GLU A 107 -6.40 -14.65 -7.14
N THR A 108 -6.69 -15.62 -8.00
CA THR A 108 -8.07 -15.91 -8.36
C THR A 108 -8.89 -16.30 -7.14
N THR A 109 -8.33 -17.17 -6.30
CA THR A 109 -9.01 -17.63 -5.10
C THR A 109 -9.40 -16.49 -4.19
N TYR A 110 -8.48 -15.55 -4.00
CA TYR A 110 -8.72 -14.41 -3.14
C TYR A 110 -9.79 -13.51 -3.76
N SER A 111 -9.65 -13.24 -5.05
CA SER A 111 -10.57 -12.37 -5.78
C SER A 111 -12.01 -12.85 -5.90
N VAL A 112 -12.23 -14.17 -5.90
CA VAL A 112 -13.58 -14.69 -6.05
C VAL A 112 -14.21 -15.20 -4.76
N ALA A 113 -13.46 -15.16 -3.67
CA ALA A 113 -13.96 -15.63 -2.39
C ALA A 113 -15.20 -14.88 -1.92
N THR A 114 -16.17 -15.61 -1.40
CA THR A 114 -17.40 -15.00 -0.89
C THR A 114 -17.77 -15.62 0.45
N VAL A 115 -18.55 -14.87 1.23
CA VAL A 115 -18.99 -15.34 2.54
C VAL A 115 -20.50 -15.36 2.51
N CYS A 116 -21.09 -16.54 2.69
CA CYS A 116 -22.54 -16.68 2.63
C CYS A 116 -23.24 -16.87 3.97
N HIS A 117 -24.55 -16.68 3.94
CA HIS A 117 -25.43 -16.84 5.09
C HIS A 117 -26.23 -18.11 4.89
N PRO A 118 -26.86 -18.62 5.96
CA PRO A 118 -27.66 -19.84 5.86
C PRO A 118 -28.63 -19.78 4.68
N ASN A 119 -29.35 -18.67 4.58
CA ASN A 119 -30.32 -18.46 3.52
C ASN A 119 -29.75 -18.61 2.12
N GLY A 120 -28.68 -17.87 1.83
CA GLY A 120 -28.06 -17.94 0.51
C GLY A 120 -27.48 -16.61 0.07
N SER A 121 -27.55 -15.62 0.96
CA SER A 121 -26.98 -14.31 0.65
C SER A 121 -25.48 -14.37 0.86
N CYS A 122 -24.73 -14.29 -0.25
CA CYS A 122 -23.29 -14.33 -0.18
C CYS A 122 -22.73 -12.94 -0.43
N LEU A 123 -21.79 -12.53 0.41
CA LEU A 123 -21.18 -11.22 0.28
C LEU A 123 -19.73 -11.31 -0.21
N GLN A 124 -19.35 -10.39 -1.09
CA GLN A 124 -17.98 -10.36 -1.58
C GLN A 124 -17.23 -9.41 -0.66
N LEU A 125 -15.91 -9.35 -0.78
CA LEU A 125 -15.13 -8.47 0.07
C LEU A 125 -15.47 -7.01 -0.21
N GLU A 126 -15.50 -6.68 -1.49
CA GLU A 126 -15.80 -5.32 -1.92
C GLU A 126 -17.12 -5.33 -2.69
N PRO A 127 -18.09 -4.50 -2.27
CA PRO A 127 -17.98 -3.60 -1.11
C PRO A 127 -18.71 -4.12 0.11
N ASP A 128 -19.40 -5.25 -0.05
CA ASP A 128 -20.20 -5.84 1.02
C ASP A 128 -19.52 -5.99 2.37
N LEU A 129 -18.57 -6.91 2.47
CA LEU A 129 -17.90 -7.14 3.75
C LEU A 129 -17.18 -5.89 4.26
N THR A 130 -16.60 -5.13 3.35
CA THR A 130 -15.90 -3.92 3.71
C THR A 130 -16.87 -2.96 4.38
N ASN A 131 -18.08 -2.88 3.83
CA ASN A 131 -19.08 -1.99 4.40
C ASN A 131 -19.56 -2.48 5.75
N VAL A 132 -19.71 -3.79 5.93
CA VAL A 132 -20.16 -4.32 7.22
C VAL A 132 -19.14 -3.93 8.30
N MET A 133 -17.87 -4.20 8.01
CA MET A 133 -16.79 -3.90 8.95
C MET A 133 -16.71 -2.41 9.30
N ALA A 134 -17.09 -1.56 8.36
CA ALA A 134 -17.02 -0.13 8.59
C ALA A 134 -18.23 0.50 9.26
N THR A 135 -19.41 -0.11 9.09
CA THR A 135 -20.63 0.47 9.64
C THR A 135 -21.34 -0.28 10.75
N SER A 136 -21.15 -1.59 10.85
CA SER A 136 -21.81 -2.33 11.91
C SER A 136 -21.21 -2.05 13.28
N ARG A 137 -22.06 -1.96 14.29
CA ARG A 137 -21.61 -1.72 15.66
C ARG A 137 -22.11 -2.86 16.54
N LYS A 138 -22.40 -4.00 15.91
CA LYS A 138 -22.88 -5.19 16.61
C LYS A 138 -21.77 -6.23 16.66
N TYR A 139 -21.24 -6.46 17.86
CA TYR A 139 -20.15 -7.40 18.07
C TYR A 139 -20.26 -8.68 17.25
N GLU A 140 -21.45 -9.28 17.25
CA GLU A 140 -21.67 -10.53 16.55
C GLU A 140 -21.70 -10.44 15.03
N ASP A 141 -22.17 -9.31 14.50
CA ASP A 141 -22.21 -9.15 13.04
C ASP A 141 -20.79 -8.89 12.54
N LEU A 142 -20.02 -8.15 13.32
CA LEU A 142 -18.64 -7.87 12.96
C LEU A 142 -17.86 -9.17 12.99
N LEU A 143 -18.11 -9.99 13.99
CA LEU A 143 -17.42 -11.26 14.14
C LEU A 143 -17.71 -12.16 12.94
N TRP A 144 -18.98 -12.19 12.53
CA TRP A 144 -19.40 -12.99 11.39
C TRP A 144 -18.60 -12.69 10.12
N ALA A 145 -18.48 -11.40 9.80
CA ALA A 145 -17.76 -10.97 8.61
C ALA A 145 -16.25 -11.22 8.74
N TRP A 146 -15.72 -10.91 9.92
CA TRP A 146 -14.30 -11.07 10.21
C TRP A 146 -13.87 -12.53 10.10
N GLU A 147 -14.60 -13.41 10.80
CA GLU A 147 -14.30 -14.84 10.80
C GLU A 147 -14.58 -15.46 9.44
N GLY A 148 -15.71 -15.10 8.85
CA GLY A 148 -16.09 -15.66 7.56
C GLY A 148 -15.08 -15.38 6.47
N TRP A 149 -14.59 -14.15 6.40
CA TRP A 149 -13.61 -13.79 5.38
C TRP A 149 -12.37 -14.67 5.52
N ARG A 150 -11.93 -14.86 6.75
CA ARG A 150 -10.75 -15.68 6.98
C ARG A 150 -11.04 -17.16 6.72
N ASP A 151 -12.24 -17.60 7.07
CA ASP A 151 -12.62 -18.99 6.83
C ASP A 151 -12.65 -19.31 5.34
N LYS A 152 -13.17 -18.37 4.55
CA LYS A 152 -13.27 -18.58 3.12
C LYS A 152 -12.02 -18.21 2.31
N ALA A 153 -11.48 -17.02 2.52
CA ALA A 153 -10.29 -16.59 1.78
C ALA A 153 -8.99 -17.09 2.40
N GLY A 154 -8.79 -16.80 3.67
CA GLY A 154 -7.58 -17.22 4.36
C GLY A 154 -7.29 -18.70 4.26
N ARG A 155 -8.22 -19.53 4.73
CA ARG A 155 -8.05 -20.97 4.67
C ARG A 155 -7.79 -21.52 3.27
N ALA A 156 -8.43 -20.93 2.27
CA ALA A 156 -8.27 -21.41 0.90
C ALA A 156 -6.89 -21.10 0.31
N ILE A 157 -6.16 -20.18 0.92
CA ILE A 157 -4.84 -19.84 0.39
C ILE A 157 -3.75 -20.74 0.97
N LEU A 158 -4.02 -21.32 2.13
CA LEU A 158 -3.05 -22.17 2.81
C LEU A 158 -2.49 -23.30 1.96
N GLN A 159 -3.32 -23.97 1.17
CA GLN A 159 -2.82 -25.07 0.35
C GLN A 159 -1.75 -24.63 -0.65
N PHE A 160 -1.73 -23.35 -1.00
CA PHE A 160 -0.76 -22.85 -1.96
C PHE A 160 0.52 -22.22 -1.39
N TYR A 161 0.45 -21.64 -0.20
CA TYR A 161 1.59 -20.93 0.37
C TYR A 161 2.93 -21.64 0.56
N PRO A 162 2.93 -22.85 1.14
CA PRO A 162 4.24 -23.50 1.30
C PRO A 162 5.01 -23.68 0.00
N LYS A 163 4.32 -24.13 -1.05
CA LYS A 163 4.97 -24.35 -2.34
C LYS A 163 5.41 -23.00 -2.91
N TYR A 164 4.59 -21.98 -2.70
CA TYR A 164 4.89 -20.63 -3.16
C TYR A 164 6.19 -20.17 -2.52
N VAL A 165 6.30 -20.34 -1.21
CA VAL A 165 7.51 -19.95 -0.47
C VAL A 165 8.73 -20.70 -0.98
N GLU A 166 8.56 -21.99 -1.23
CA GLU A 166 9.67 -22.80 -1.72
C GLU A 166 10.18 -22.29 -3.08
N LEU A 167 9.27 -22.05 -4.00
CA LEU A 167 9.64 -21.59 -5.33
C LEU A 167 10.17 -20.16 -5.39
N ILE A 168 9.55 -19.25 -4.63
CA ILE A 168 10.03 -17.87 -4.67
C ILE A 168 11.41 -17.75 -4.02
N ASN A 169 11.66 -18.58 -3.03
CA ASN A 169 12.97 -18.57 -2.37
C ASN A 169 14.03 -19.15 -3.31
N GLN A 170 13.67 -20.22 -4.02
CA GLN A 170 14.57 -20.86 -4.97
C GLN A 170 14.99 -19.84 -6.01
N ALA A 171 14.00 -19.16 -6.59
CA ALA A 171 14.26 -18.14 -7.59
C ALA A 171 15.21 -17.11 -7.00
N ALA A 172 14.97 -16.72 -5.74
CA ALA A 172 15.80 -15.75 -5.05
C ALA A 172 17.25 -16.21 -4.97
N ARG A 173 17.45 -17.46 -4.54
CA ARG A 173 18.79 -18.04 -4.43
C ARG A 173 19.46 -18.14 -5.80
N LEU A 174 18.68 -18.38 -6.83
CA LEU A 174 19.23 -18.49 -8.18
C LEU A 174 19.65 -17.14 -8.74
N ASN A 175 19.26 -16.07 -8.04
CA ASN A 175 19.62 -14.73 -8.45
C ASN A 175 20.65 -14.09 -7.51
N GLY A 176 21.27 -14.92 -6.68
CA GLY A 176 22.30 -14.43 -5.78
C GLY A 176 21.88 -14.00 -4.38
N TYR A 177 20.62 -14.17 -4.04
CA TYR A 177 20.13 -13.78 -2.71
C TYR A 177 20.02 -15.01 -1.81
N VAL A 178 19.93 -14.79 -0.49
CA VAL A 178 19.82 -15.92 0.44
C VAL A 178 18.39 -16.47 0.49
N ASP A 179 17.42 -15.60 0.19
CA ASP A 179 16.01 -15.97 0.16
C ASP A 179 15.20 -14.81 -0.41
N ALA A 180 13.89 -15.00 -0.55
CA ALA A 180 13.00 -14.00 -1.12
C ALA A 180 12.94 -12.67 -0.36
N GLY A 181 12.95 -12.73 0.96
CA GLY A 181 12.90 -11.49 1.73
C GLY A 181 14.13 -10.64 1.43
N ASP A 182 15.27 -11.32 1.36
CA ASP A 182 16.54 -10.67 1.06
C ASP A 182 16.38 -9.95 -0.28
N SER A 183 15.89 -10.67 -1.28
CA SER A 183 15.66 -10.11 -2.60
C SER A 183 14.75 -8.88 -2.56
N TRP A 184 13.66 -8.99 -1.80
CA TRP A 184 12.72 -7.87 -1.69
C TRP A 184 13.35 -6.65 -1.03
N ARG A 185 14.07 -6.86 0.07
CA ARG A 185 14.70 -5.75 0.78
C ARG A 185 15.76 -5.05 -0.07
N SER A 186 16.39 -5.79 -0.97
CA SER A 186 17.43 -5.22 -1.81
C SER A 186 16.89 -4.10 -2.69
N MET A 187 15.58 -4.05 -2.88
CA MET A 187 14.97 -3.02 -3.70
C MET A 187 15.25 -1.61 -3.16
N TYR A 188 15.67 -1.52 -1.91
CA TYR A 188 15.95 -0.22 -1.31
C TYR A 188 17.42 0.17 -1.34
N GLU A 189 18.29 -0.76 -1.74
CA GLU A 189 19.72 -0.50 -1.83
C GLU A 189 20.23 0.12 -0.53
N THR A 190 19.71 -0.35 0.59
CA THR A 190 20.07 0.18 1.90
C THR A 190 20.43 -0.93 2.87
N PRO A 191 21.74 -1.20 3.05
CA PRO A 191 22.21 -2.24 3.96
C PRO A 191 21.71 -2.12 5.39
N SER A 192 21.44 -0.90 5.83
CA SER A 192 20.95 -0.66 7.19
C SER A 192 19.43 -0.61 7.27
N LEU A 193 18.76 -1.04 6.21
CA LEU A 193 17.30 -1.02 6.15
C LEU A 193 16.58 -1.51 7.40
N GLU A 194 16.80 -2.77 7.77
CA GLU A 194 16.13 -3.32 8.94
C GLU A 194 16.30 -2.51 10.22
N GLN A 195 17.51 -2.06 10.51
CA GLN A 195 17.71 -1.26 11.71
C GLN A 195 17.07 0.11 11.54
N ASP A 196 17.16 0.67 10.34
CA ASP A 196 16.56 1.99 10.06
C ASP A 196 15.07 1.95 10.31
N LEU A 197 14.40 0.94 9.75
CA LEU A 197 12.97 0.80 9.90
C LEU A 197 12.58 0.61 11.36
N GLU A 198 13.35 -0.22 12.07
CA GLU A 198 13.10 -0.49 13.49
C GLU A 198 13.16 0.81 14.30
N ARG A 199 14.14 1.64 14.03
CA ARG A 199 14.27 2.91 14.75
C ARG A 199 13.06 3.79 14.49
N LEU A 200 12.64 3.87 13.23
CA LEU A 200 11.48 4.69 12.88
C LEU A 200 10.25 4.16 13.61
N PHE A 201 10.11 2.84 13.65
CA PHE A 201 8.97 2.23 14.32
C PHE A 201 8.92 2.63 15.78
N GLN A 202 10.08 2.54 16.45
CA GLN A 202 10.19 2.89 17.86
C GLN A 202 9.85 4.35 18.14
N GLU A 203 10.24 5.23 17.24
CA GLU A 203 9.95 6.65 17.41
C GLU A 203 8.45 6.96 17.39
N LEU A 204 7.67 6.13 16.70
CA LEU A 204 6.24 6.34 16.63
C LEU A 204 5.44 5.57 17.68
N GLN A 205 6.17 4.87 18.56
CA GLN A 205 5.53 4.11 19.62
C GLN A 205 4.70 4.94 20.61
N PRO A 206 5.30 5.98 21.19
CA PRO A 206 4.54 6.80 22.14
C PRO A 206 3.19 7.21 21.56
N LEU A 207 3.22 7.71 20.33
CA LEU A 207 2.01 8.15 19.68
C LEU A 207 1.02 7.00 19.49
N TYR A 208 1.47 5.88 18.93
CA TYR A 208 0.57 4.76 18.72
C TYR A 208 0.00 4.20 20.04
N LEU A 209 0.88 3.95 21.01
CA LEU A 209 0.40 3.41 22.28
C LEU A 209 -0.65 4.30 22.93
N ASN A 210 -0.49 5.61 22.79
CA ASN A 210 -1.45 6.54 23.36
C ASN A 210 -2.76 6.50 22.56
N LEU A 211 -2.65 6.39 21.24
CA LEU A 211 -3.85 6.31 20.43
C LEU A 211 -4.57 5.01 20.76
N HIS A 212 -3.79 3.93 20.85
CA HIS A 212 -4.31 2.61 21.17
C HIS A 212 -5.10 2.62 22.47
N ALA A 213 -4.50 3.16 23.52
CA ALA A 213 -5.15 3.24 24.83
C ALA A 213 -6.45 4.06 24.82
N TYR A 214 -6.46 5.15 24.07
CA TYR A 214 -7.64 6.01 23.98
C TYR A 214 -8.77 5.28 23.27
N VAL A 215 -8.44 4.63 22.16
CA VAL A 215 -9.43 3.90 21.39
C VAL A 215 -9.95 2.70 22.20
N ARG A 216 -9.07 2.04 22.94
CA ARG A 216 -9.48 0.88 23.74
C ARG A 216 -10.53 1.32 24.77
N ARG A 217 -10.28 2.47 25.39
CA ARG A 217 -11.21 3.00 26.39
C ARG A 217 -12.58 3.26 25.72
N ALA A 218 -12.55 3.84 24.52
CA ALA A 218 -13.79 4.16 23.81
C ALA A 218 -14.56 2.89 23.48
N LEU A 219 -13.85 1.85 23.05
CA LEU A 219 -14.49 0.58 22.71
C LEU A 219 -15.09 -0.05 23.97
N HIS A 220 -14.37 0.09 25.08
CA HIS A 220 -14.81 -0.42 26.37
C HIS A 220 -16.16 0.21 26.69
N ARG A 221 -16.24 1.51 26.44
CA ARG A 221 -17.42 2.30 26.68
C ARG A 221 -18.60 1.83 25.81
N HIS A 222 -18.31 1.48 24.55
CA HIS A 222 -19.36 1.04 23.64
C HIS A 222 -19.72 -0.43 23.68
N TYR A 223 -18.71 -1.29 23.68
CA TYR A 223 -18.96 -2.73 23.67
C TYR A 223 -19.05 -3.43 25.02
N GLY A 224 -18.80 -2.71 26.10
CA GLY A 224 -18.89 -3.32 27.42
C GLY A 224 -17.61 -3.81 28.06
N ALA A 225 -17.55 -3.67 29.37
CA ALA A 225 -16.37 -4.08 30.14
C ALA A 225 -16.11 -5.58 30.02
N GLN A 226 -17.17 -6.37 29.83
CA GLN A 226 -17.04 -7.81 29.72
C GLN A 226 -16.36 -8.22 28.41
N HIS A 227 -16.22 -7.28 27.49
CA HIS A 227 -15.61 -7.60 26.20
C HIS A 227 -14.33 -6.84 25.87
N ILE A 228 -13.98 -5.85 26.70
CA ILE A 228 -12.77 -5.08 26.47
C ILE A 228 -11.95 -4.99 27.75
N ASN A 229 -10.71 -5.46 27.68
CA ASN A 229 -9.82 -5.42 28.83
C ASN A 229 -8.99 -4.14 28.72
N LEU A 230 -9.23 -3.19 29.62
CA LEU A 230 -8.52 -1.92 29.61
C LEU A 230 -7.01 -2.06 29.77
N GLU A 231 -6.54 -3.26 30.09
CA GLU A 231 -5.11 -3.51 30.24
C GLU A 231 -4.60 -4.53 29.22
N GLY A 232 -5.45 -4.92 28.28
CA GLY A 232 -5.02 -5.89 27.29
C GLY A 232 -5.18 -5.47 25.84
N PRO A 233 -5.00 -6.40 24.90
CA PRO A 233 -5.12 -6.11 23.46
C PRO A 233 -6.58 -5.90 23.05
N ILE A 234 -6.77 -5.22 21.94
CA ILE A 234 -8.09 -4.92 21.40
C ILE A 234 -8.54 -5.99 20.42
N PRO A 235 -9.80 -6.47 20.54
CA PRO A 235 -10.28 -7.50 19.60
C PRO A 235 -10.17 -6.95 18.17
N ALA A 236 -9.56 -7.74 17.31
CA ALA A 236 -9.29 -7.36 15.91
C ALA A 236 -10.44 -7.03 14.97
N HIS A 237 -11.69 -7.28 15.38
CA HIS A 237 -12.81 -7.01 14.49
C HIS A 237 -13.56 -5.71 14.77
N LEU A 238 -13.12 -4.97 15.77
CA LEU A 238 -13.81 -3.74 16.17
C LEU A 238 -13.25 -2.42 15.67
N LEU A 239 -12.25 -2.45 14.80
CA LEU A 239 -11.64 -1.21 14.36
C LEU A 239 -12.16 -0.58 13.05
N GLY A 240 -13.25 -1.12 12.52
CA GLY A 240 -13.86 -0.56 11.31
C GLY A 240 -13.25 -0.97 9.98
N ASN A 241 -12.24 -1.82 10.03
CA ASN A 241 -11.54 -2.30 8.85
C ASN A 241 -11.28 -3.80 9.01
N MET A 242 -11.43 -4.54 7.92
CA MET A 242 -11.25 -5.99 7.93
C MET A 242 -9.93 -6.45 8.55
N TRP A 243 -8.89 -5.64 8.41
CA TRP A 243 -7.56 -5.98 8.92
C TRP A 243 -7.11 -5.08 10.08
N ALA A 244 -8.01 -4.20 10.51
CA ALA A 244 -7.73 -3.26 11.58
C ALA A 244 -6.45 -2.49 11.27
N GLN A 245 -6.18 -2.29 9.97
CA GLN A 245 -4.97 -1.58 9.56
C GLN A 245 -5.16 -0.06 9.62
N THR A 246 -6.42 0.37 9.47
CA THR A 246 -6.78 1.78 9.57
C THR A 246 -8.06 1.78 10.38
N TRP A 247 -8.17 2.71 11.32
CA TRP A 247 -9.33 2.77 12.21
C TRP A 247 -10.25 3.95 11.99
N SER A 248 -10.07 4.69 10.89
CA SER A 248 -10.90 5.87 10.65
C SER A 248 -12.41 5.64 10.65
N ASN A 249 -12.86 4.43 10.32
CA ASN A 249 -14.28 4.18 10.28
C ASN A 249 -14.99 4.16 11.64
N ILE A 250 -14.24 4.09 12.74
CA ILE A 250 -14.89 4.12 14.04
C ILE A 250 -14.71 5.50 14.68
N TYR A 251 -14.50 6.50 13.84
CA TYR A 251 -14.33 7.87 14.32
C TYR A 251 -15.52 8.28 15.20
N ASP A 252 -16.72 7.86 14.81
CA ASP A 252 -17.94 8.19 15.56
C ASP A 252 -17.93 7.67 16.99
N LEU A 253 -17.18 6.60 17.24
CA LEU A 253 -17.10 6.03 18.58
C LEU A 253 -16.00 6.68 19.42
N VAL A 254 -15.09 7.42 18.78
CA VAL A 254 -13.98 8.03 19.51
C VAL A 254 -13.79 9.54 19.36
N VAL A 255 -14.75 10.20 18.74
CA VAL A 255 -14.66 11.65 18.54
C VAL A 255 -14.27 12.37 19.84
N PRO A 256 -13.14 13.08 19.84
CA PRO A 256 -12.66 13.80 21.04
C PRO A 256 -13.68 14.82 21.55
N PHE A 257 -14.22 15.64 20.64
CA PHE A 257 -15.20 16.65 21.01
C PHE A 257 -16.48 16.48 20.21
N PRO A 258 -17.38 15.59 20.69
CA PRO A 258 -18.65 15.35 19.99
C PRO A 258 -19.54 16.58 19.93
N SER A 259 -19.20 17.61 20.71
CA SER A 259 -19.98 18.83 20.72
C SER A 259 -19.62 19.70 19.52
N ALA A 260 -18.51 19.36 18.87
CA ALA A 260 -18.05 20.08 17.69
C ALA A 260 -18.21 19.12 16.52
N PRO A 261 -19.46 18.90 16.07
CA PRO A 261 -19.75 17.99 14.96
C PRO A 261 -19.28 18.50 13.60
N SER A 262 -19.02 17.57 12.70
CA SER A 262 -18.59 17.90 11.34
C SER A 262 -19.50 17.14 10.39
N MET A 263 -19.76 17.74 9.22
CA MET A 263 -20.61 17.13 8.24
C MET A 263 -20.24 15.70 7.89
N ASP A 264 -21.25 14.94 7.49
CA ASP A 264 -21.08 13.56 7.07
C ASP A 264 -20.48 13.63 5.67
N THR A 265 -19.15 13.67 5.59
CA THR A 265 -18.44 13.76 4.32
C THR A 265 -19.01 12.83 3.26
N THR A 266 -19.16 11.55 3.60
CA THR A 266 -19.70 10.58 2.66
C THR A 266 -21.13 10.93 2.26
N GLU A 267 -21.97 11.22 3.25
CA GLU A 267 -23.35 11.59 2.97
C GLU A 267 -23.34 12.76 1.99
N ALA A 268 -22.43 13.70 2.23
CA ALA A 268 -22.31 14.89 1.38
C ALA A 268 -21.97 14.48 -0.05
N MET A 269 -20.93 13.68 -0.21
CA MET A 269 -20.51 13.23 -1.54
C MET A 269 -21.69 12.62 -2.28
N LEU A 270 -22.35 11.66 -1.64
CA LEU A 270 -23.49 10.99 -2.23
C LEU A 270 -24.63 12.00 -2.43
N LYS A 271 -24.79 12.89 -1.46
CA LYS A 271 -25.82 13.91 -1.52
C LYS A 271 -25.71 14.78 -2.76
N GLN A 272 -24.48 15.19 -3.11
CA GLN A 272 -24.30 16.02 -4.29
C GLN A 272 -23.84 15.27 -5.52
N GLY A 273 -24.30 14.03 -5.64
CA GLY A 273 -23.98 13.21 -6.79
C GLY A 273 -22.54 13.05 -7.21
N TRP A 274 -21.66 12.77 -6.25
CA TRP A 274 -20.27 12.55 -6.58
C TRP A 274 -20.20 11.16 -7.19
N THR A 275 -19.33 10.98 -8.18
CA THR A 275 -19.17 9.68 -8.83
C THR A 275 -17.70 9.32 -8.85
N PRO A 276 -17.38 8.04 -9.05
CA PRO A 276 -15.97 7.62 -9.10
C PRO A 276 -15.19 8.50 -10.08
N ARG A 277 -15.76 8.69 -11.28
CA ARG A 277 -15.10 9.51 -12.28
C ARG A 277 -14.85 10.92 -11.74
N ARG A 278 -15.83 11.46 -11.01
CA ARG A 278 -15.71 12.78 -10.43
C ARG A 278 -14.53 12.78 -9.46
N MET A 279 -14.45 11.73 -8.66
CA MET A 279 -13.40 11.58 -7.67
C MET A 279 -12.03 11.63 -8.31
N PHE A 280 -11.85 10.90 -9.40
CA PHE A 280 -10.55 10.90 -10.07
C PHE A 280 -10.30 12.23 -10.78
N LYS A 281 -11.35 12.86 -11.28
CA LYS A 281 -11.18 14.14 -11.95
C LYS A 281 -10.62 15.13 -10.94
N GLU A 282 -11.21 15.15 -9.75
CA GLU A 282 -10.76 16.06 -8.70
C GLU A 282 -9.27 15.85 -8.40
N ALA A 283 -8.83 14.59 -8.39
CA ALA A 283 -7.43 14.29 -8.12
C ALA A 283 -6.58 14.83 -9.26
N ASP A 284 -7.04 14.60 -10.48
CA ASP A 284 -6.33 15.07 -11.66
C ASP A 284 -6.14 16.58 -11.54
N ASP A 285 -7.17 17.27 -11.05
CA ASP A 285 -7.10 18.72 -10.88
C ASP A 285 -6.06 19.13 -9.83
N PHE A 286 -5.95 18.36 -8.75
CA PHE A 286 -4.99 18.69 -7.72
C PHE A 286 -3.58 18.60 -8.28
N PHE A 287 -3.28 17.53 -9.01
CA PHE A 287 -1.95 17.39 -9.59
C PHE A 287 -1.63 18.53 -10.55
N THR A 288 -2.57 18.87 -11.41
CA THR A 288 -2.35 19.95 -12.38
C THR A 288 -2.20 21.28 -11.67
N SER A 289 -2.96 21.48 -10.59
CA SER A 289 -2.89 22.74 -9.85
C SER A 289 -1.45 22.99 -9.38
N LEU A 290 -0.70 21.91 -9.18
CA LEU A 290 0.69 22.03 -8.73
C LEU A 290 1.63 22.21 -9.92
N GLY A 291 1.06 22.21 -11.12
CA GLY A 291 1.87 22.36 -12.30
C GLY A 291 2.30 21.00 -12.84
N LEU A 292 1.84 19.95 -12.19
CA LEU A 292 2.19 18.59 -12.61
C LEU A 292 1.36 18.18 -13.83
N LEU A 293 1.65 17.00 -14.39
CA LEU A 293 0.96 16.53 -15.58
C LEU A 293 -0.43 15.93 -15.41
N PRO A 294 -1.34 16.23 -16.36
CA PRO A 294 -2.70 15.69 -16.29
C PRO A 294 -2.64 14.31 -16.94
N VAL A 295 -3.58 13.43 -16.59
CA VAL A 295 -3.57 12.10 -17.20
C VAL A 295 -4.05 12.21 -18.64
N PRO A 296 -3.53 11.36 -19.54
CA PRO A 296 -3.91 11.36 -20.95
C PRO A 296 -5.39 11.03 -21.15
N PRO A 297 -5.96 11.46 -22.29
CA PRO A 297 -7.37 11.17 -22.57
C PRO A 297 -7.59 9.66 -22.53
N GLU A 298 -6.58 8.93 -23.01
CA GLU A 298 -6.60 7.47 -23.06
C GLU A 298 -6.90 6.89 -21.69
N PHE A 299 -6.39 7.53 -20.65
CA PHE A 299 -6.59 7.09 -19.28
C PHE A 299 -8.07 6.93 -18.96
N TRP A 300 -8.86 7.97 -19.23
CA TRP A 300 -10.28 7.96 -18.95
C TRP A 300 -11.07 6.94 -19.76
N ASN A 301 -10.51 6.53 -20.90
CA ASN A 301 -11.17 5.57 -21.77
C ASN A 301 -10.87 4.10 -21.47
N LYS A 302 -9.66 3.81 -21.01
CA LYS A 302 -9.28 2.43 -20.74
C LYS A 302 -9.29 1.99 -19.27
N SER A 303 -9.27 2.94 -18.35
CA SER A 303 -9.27 2.59 -16.92
C SER A 303 -10.58 1.96 -16.46
N MET A 304 -10.50 1.17 -15.40
CA MET A 304 -11.68 0.56 -14.80
C MET A 304 -11.78 1.26 -13.44
N LEU A 305 -12.57 2.32 -13.40
CA LEU A 305 -12.72 3.10 -12.18
C LEU A 305 -13.88 2.65 -11.31
N GLU A 306 -14.61 1.64 -11.76
CA GLU A 306 -15.75 1.11 -11.02
C GLU A 306 -15.80 -0.40 -11.14
N LYS A 307 -16.48 -1.04 -10.20
CA LYS A 307 -16.62 -2.49 -10.21
C LYS A 307 -17.58 -2.84 -11.35
N PRO A 308 -17.12 -3.63 -12.33
CA PRO A 308 -17.98 -4.01 -13.45
C PRO A 308 -19.32 -4.60 -13.00
N THR A 309 -20.32 -4.45 -13.85
CA THR A 309 -21.64 -4.98 -13.56
C THR A 309 -21.95 -6.03 -14.63
N ASP A 310 -20.97 -6.26 -15.50
CA ASP A 310 -21.03 -7.24 -16.59
C ASP A 310 -21.26 -8.63 -16.04
N GLY A 311 -21.10 -8.79 -14.73
CA GLY A 311 -21.23 -10.08 -14.12
C GLY A 311 -19.80 -10.58 -13.97
N ARG A 312 -18.89 -9.87 -14.64
CA ARG A 312 -17.47 -10.17 -14.62
C ARG A 312 -16.90 -10.26 -13.21
N GLU A 313 -15.90 -11.13 -13.07
CA GLU A 313 -15.21 -11.30 -11.80
C GLU A 313 -13.91 -10.53 -12.03
N VAL A 314 -13.45 -9.78 -11.05
CA VAL A 314 -12.23 -9.00 -11.23
C VAL A 314 -11.42 -8.82 -9.96
N VAL A 315 -10.21 -8.29 -10.12
CA VAL A 315 -9.34 -8.01 -8.99
C VAL A 315 -9.70 -6.58 -8.58
N CYS A 316 -10.47 -6.44 -7.49
CA CYS A 316 -10.89 -5.12 -7.06
C CYS A 316 -9.83 -4.24 -6.39
N HIS A 317 -8.83 -4.85 -5.76
CA HIS A 317 -7.80 -4.07 -5.08
C HIS A 317 -7.23 -2.99 -5.98
N ALA A 318 -7.25 -1.75 -5.48
CA ALA A 318 -6.75 -0.59 -6.22
C ALA A 318 -5.33 -0.77 -6.74
N SER A 319 -5.09 -0.36 -7.98
CA SER A 319 -3.77 -0.45 -8.58
C SER A 319 -3.61 0.45 -9.80
N ALA A 320 -2.39 0.93 -10.02
CA ALA A 320 -2.07 1.79 -11.15
C ALA A 320 -1.20 0.98 -12.10
N TRP A 321 -1.42 1.15 -13.40
CA TRP A 321 -0.69 0.38 -14.41
C TRP A 321 0.09 1.22 -15.42
N ASP A 322 1.32 0.81 -15.69
CA ASP A 322 2.19 1.46 -16.66
C ASP A 322 2.36 0.44 -17.78
N PHE A 323 1.88 0.75 -18.98
CA PHE A 323 2.00 -0.18 -20.11
C PHE A 323 3.28 -0.06 -20.92
N TYR A 324 4.28 0.60 -20.33
CA TYR A 324 5.59 0.79 -20.93
C TYR A 324 5.69 1.27 -22.37
N ASN A 325 4.86 2.24 -22.74
CA ASN A 325 4.93 2.80 -24.09
C ASN A 325 4.87 4.31 -23.93
N GLY A 326 5.02 4.73 -22.67
CA GLY A 326 5.00 6.15 -22.32
C GLY A 326 3.74 6.89 -22.72
N LYS A 327 2.70 6.14 -23.08
CA LYS A 327 1.46 6.75 -23.51
C LYS A 327 0.23 6.17 -22.81
N ASP A 328 0.25 4.88 -22.57
CA ASP A 328 -0.86 4.18 -21.96
C ASP A 328 -0.70 3.94 -20.44
N PHE A 329 -1.52 4.64 -19.65
CA PHE A 329 -1.49 4.50 -18.20
C PHE A 329 -2.92 4.30 -17.72
N ARG A 330 -3.13 3.39 -16.77
CA ARG A 330 -4.49 3.14 -16.29
C ARG A 330 -4.57 2.81 -14.81
N ILE A 331 -5.77 2.97 -14.28
CA ILE A 331 -6.06 2.67 -12.88
C ILE A 331 -7.21 1.65 -12.86
N LYS A 332 -7.05 0.60 -12.06
CA LYS A 332 -8.08 -0.42 -11.90
C LYS A 332 -8.48 -0.37 -10.43
N GLN A 333 -9.69 0.12 -10.16
CA GLN A 333 -10.17 0.25 -8.79
C GLN A 333 -11.69 0.15 -8.73
N CYS A 334 -12.20 -0.67 -7.81
CA CYS A 334 -13.64 -0.80 -7.64
C CYS A 334 -14.00 0.30 -6.65
N THR A 335 -13.93 1.53 -7.14
CA THR A 335 -14.20 2.73 -6.37
C THR A 335 -15.60 2.85 -5.80
N THR A 336 -15.66 3.30 -4.55
CA THR A 336 -16.93 3.53 -3.85
C THR A 336 -16.96 5.02 -3.56
N VAL A 337 -18.15 5.61 -3.48
CA VAL A 337 -18.25 7.05 -3.20
C VAL A 337 -18.23 7.36 -1.71
N ASN A 338 -17.03 7.72 -1.22
CA ASN A 338 -16.82 8.08 0.17
C ASN A 338 -15.43 8.72 0.29
N LEU A 339 -15.17 9.35 1.43
CA LEU A 339 -13.89 10.02 1.67
C LEU A 339 -12.67 9.10 1.58
N GLU A 340 -12.77 7.95 2.24
CA GLU A 340 -11.69 6.97 2.26
C GLU A 340 -11.21 6.64 0.85
N ASP A 341 -12.15 6.37 -0.06
CA ASP A 341 -11.78 6.05 -1.44
C ASP A 341 -11.32 7.27 -2.21
N LEU A 342 -11.74 8.46 -1.76
CA LEU A 342 -11.32 9.68 -2.42
C LEU A 342 -9.82 9.79 -2.18
N VAL A 343 -9.39 9.40 -0.99
CA VAL A 343 -7.98 9.42 -0.65
C VAL A 343 -7.26 8.38 -1.50
N VAL A 344 -7.84 7.18 -1.62
CA VAL A 344 -7.23 6.13 -2.41
C VAL A 344 -7.08 6.54 -3.87
N ALA A 345 -8.09 7.23 -4.40
CA ALA A 345 -8.05 7.69 -5.78
C ALA A 345 -6.83 8.58 -5.99
N HIS A 346 -6.56 9.45 -5.02
CA HIS A 346 -5.39 10.35 -5.11
C HIS A 346 -4.13 9.51 -5.03
N HIS A 347 -4.15 8.51 -4.15
CA HIS A 347 -3.01 7.60 -3.98
C HIS A 347 -2.64 7.02 -5.33
N GLU A 348 -3.61 6.39 -5.98
CA GLU A 348 -3.39 5.77 -7.29
C GLU A 348 -2.99 6.77 -8.36
N MET A 349 -3.55 7.97 -8.30
CA MET A 349 -3.22 8.99 -9.27
C MET A 349 -1.76 9.43 -9.09
N GLY A 350 -1.25 9.27 -7.88
CA GLY A 350 0.14 9.61 -7.60
C GLY A 350 1.06 8.64 -8.35
N HIS A 351 0.63 7.39 -8.46
CA HIS A 351 1.39 6.38 -9.20
C HIS A 351 1.44 6.75 -10.69
N ILE A 352 0.28 7.13 -11.22
CA ILE A 352 0.20 7.52 -12.63
C ILE A 352 1.10 8.73 -12.90
N GLN A 353 1.12 9.68 -11.98
CA GLN A 353 1.95 10.86 -12.15
C GLN A 353 3.41 10.45 -12.25
N TYR A 354 3.81 9.50 -11.40
CA TYR A 354 5.18 9.00 -11.40
C TYR A 354 5.48 8.34 -12.75
N PHE A 355 4.57 7.50 -13.23
CA PHE A 355 4.76 6.83 -14.53
C PHE A 355 5.04 7.88 -15.59
N MET A 356 4.15 8.87 -15.68
CA MET A 356 4.30 9.93 -16.67
C MET A 356 5.58 10.73 -16.52
N GLN A 357 5.98 10.99 -15.27
CA GLN A 357 7.19 11.76 -15.02
C GLN A 357 8.47 11.11 -15.51
N TYR A 358 8.62 9.80 -15.35
CA TYR A 358 9.83 9.13 -15.79
C TYR A 358 9.65 8.28 -17.04
N LYS A 359 8.64 8.59 -17.83
CA LYS A 359 8.32 7.84 -19.04
C LYS A 359 9.39 7.87 -20.13
N ASP A 360 10.31 8.82 -20.05
CA ASP A 360 11.35 8.95 -21.07
C ASP A 360 12.69 8.32 -20.67
N LEU A 361 12.72 7.64 -19.54
CA LEU A 361 13.95 6.99 -19.10
C LEU A 361 13.97 5.58 -19.64
N PRO A 362 15.14 4.91 -19.61
CA PRO A 362 15.21 3.54 -20.10
C PRO A 362 14.20 2.78 -19.24
N VAL A 363 13.44 1.87 -19.85
CA VAL A 363 12.43 1.13 -19.12
C VAL A 363 12.96 0.45 -17.86
N ALA A 364 14.23 0.08 -17.87
CA ALA A 364 14.84 -0.58 -16.73
C ALA A 364 14.87 0.33 -15.51
N LEU A 365 14.83 1.63 -15.75
CA LEU A 365 14.87 2.60 -14.65
C LEU A 365 13.52 3.27 -14.41
N ARG A 366 12.48 2.78 -15.07
CA ARG A 366 11.16 3.36 -14.89
C ARG A 366 10.50 2.81 -13.63
N GLU A 367 11.05 3.20 -12.48
CA GLU A 367 10.53 2.78 -11.18
C GLU A 367 10.75 3.97 -10.24
N GLY A 368 10.14 3.91 -9.05
CA GLY A 368 10.32 5.00 -8.10
C GLY A 368 11.70 4.92 -7.47
N ALA A 369 12.16 6.01 -6.86
CA ALA A 369 13.46 6.04 -6.19
C ALA A 369 13.58 4.71 -5.44
N ASN A 370 12.50 4.37 -4.74
CA ASN A 370 12.38 3.08 -4.04
C ASN A 370 10.86 2.89 -3.98
N PRO A 371 10.39 1.65 -3.77
CA PRO A 371 8.95 1.38 -3.71
C PRO A 371 8.16 2.29 -2.77
N GLY A 372 8.80 2.74 -1.70
CA GLY A 372 8.15 3.63 -0.75
C GLY A 372 7.77 4.96 -1.39
N PHE A 373 8.68 5.51 -2.19
CA PHE A 373 8.43 6.78 -2.87
C PHE A 373 7.21 6.70 -3.79
N HIS A 374 7.08 5.58 -4.50
CA HIS A 374 5.97 5.41 -5.41
C HIS A 374 4.63 5.43 -4.66
N GLU A 375 4.60 4.83 -3.48
CA GLU A 375 3.38 4.79 -2.68
C GLU A 375 3.05 6.12 -2.01
N ALA A 376 4.07 6.92 -1.76
CA ALA A 376 3.89 8.19 -1.06
C ALA A 376 3.34 9.40 -1.83
N ILE A 377 3.72 9.54 -3.10
CA ILE A 377 3.29 10.68 -3.91
C ILE A 377 1.82 11.09 -3.79
N GLY A 378 0.91 10.16 -4.07
CA GLY A 378 -0.51 10.44 -3.98
C GLY A 378 -0.97 10.79 -2.58
N ASP A 379 -0.45 10.07 -1.58
CA ASP A 379 -0.81 10.32 -0.19
C ASP A 379 -0.47 11.76 0.20
N VAL A 380 0.65 12.26 -0.32
CA VAL A 380 1.07 13.62 0.00
C VAL A 380 -0.03 14.63 -0.37
N LEU A 381 -0.51 14.59 -1.60
CA LEU A 381 -1.56 15.51 -2.02
C LEU A 381 -2.83 15.26 -1.22
N ALA A 382 -3.13 13.98 -0.99
CA ALA A 382 -4.32 13.61 -0.23
C ALA A 382 -4.30 14.18 1.19
N LEU A 383 -3.10 14.46 1.71
CA LEU A 383 -2.99 15.03 3.05
C LEU A 383 -3.61 16.42 3.00
N SER A 384 -3.30 17.17 1.95
CA SER A 384 -3.85 18.51 1.79
C SER A 384 -5.35 18.42 1.49
N VAL A 385 -5.73 17.43 0.68
CA VAL A 385 -7.13 17.24 0.31
C VAL A 385 -8.01 16.99 1.54
N SER A 386 -7.46 16.26 2.52
CA SER A 386 -8.17 15.90 3.74
C SER A 386 -8.39 17.04 4.73
N THR A 387 -7.70 18.16 4.53
CA THR A 387 -7.86 19.28 5.45
C THR A 387 -9.28 19.83 5.41
N PRO A 388 -9.80 20.23 6.58
CA PRO A 388 -11.16 20.78 6.65
C PRO A 388 -11.36 21.87 5.61
N LYS A 389 -10.41 22.79 5.53
CA LYS A 389 -10.50 23.89 4.58
C LYS A 389 -10.64 23.40 3.15
N HIS A 390 -9.87 22.37 2.77
CA HIS A 390 -9.97 21.88 1.41
C HIS A 390 -11.30 21.15 1.18
N LEU A 391 -11.71 20.34 2.15
CA LEU A 391 -12.96 19.61 2.03
C LEU A 391 -14.12 20.60 1.94
N HIS A 392 -14.02 21.68 2.70
CA HIS A 392 -15.07 22.69 2.66
C HIS A 392 -15.14 23.33 1.28
N SER A 393 -13.99 23.52 0.63
CA SER A 393 -13.96 24.12 -0.69
C SER A 393 -14.60 23.19 -1.72
N LEU A 394 -14.68 21.91 -1.39
CA LEU A 394 -15.29 20.91 -2.26
C LEU A 394 -16.75 20.75 -1.84
N ASN A 395 -17.16 21.59 -0.91
CA ASN A 395 -18.51 21.59 -0.37
C ASN A 395 -18.84 20.27 0.33
N LEU A 396 -17.85 19.69 1.00
CA LEU A 396 -18.05 18.42 1.70
C LEU A 396 -17.99 18.63 3.20
N LEU A 397 -17.66 19.84 3.62
CA LEU A 397 -17.59 20.19 5.04
C LEU A 397 -18.15 21.60 5.26
N SER A 398 -18.50 21.91 6.50
CA SER A 398 -19.05 23.22 6.85
C SER A 398 -18.24 23.84 7.99
N SER A 403 -10.92 26.79 15.70
CA SER A 403 -11.37 26.15 16.92
C SER A 403 -10.55 24.92 17.24
N ASP A 404 -9.85 24.96 18.37
CA ASP A 404 -9.01 23.84 18.79
C ASP A 404 -9.75 22.53 18.85
N GLU A 405 -11.03 22.57 19.24
CA GLU A 405 -11.81 21.35 19.32
C GLU A 405 -11.99 20.72 17.94
N HIS A 406 -12.25 21.54 16.94
CA HIS A 406 -12.40 21.02 15.59
C HIS A 406 -11.03 20.56 15.14
N ASP A 407 -10.00 21.23 15.65
CA ASP A 407 -8.64 20.92 15.29
C ASP A 407 -8.21 19.56 15.83
N ILE A 408 -8.56 19.27 17.09
CA ILE A 408 -8.21 18.00 17.69
C ILE A 408 -9.02 16.86 17.07
N ASN A 409 -10.27 17.15 16.71
CA ASN A 409 -11.11 16.13 16.08
C ASN A 409 -10.48 15.76 14.74
N PHE A 410 -10.04 16.77 13.99
CA PHE A 410 -9.41 16.52 12.68
C PHE A 410 -8.16 15.66 12.85
N LEU A 411 -7.31 16.04 13.80
CA LEU A 411 -6.08 15.29 14.04
C LEU A 411 -6.39 13.85 14.42
N MET A 412 -7.47 13.65 15.18
CA MET A 412 -7.86 12.32 15.59
C MET A 412 -8.28 11.50 14.36
N LYS A 413 -9.01 12.13 13.46
CA LYS A 413 -9.44 11.46 12.24
C LYS A 413 -8.22 11.06 11.40
N MET A 414 -7.25 11.96 11.30
CA MET A 414 -6.05 11.66 10.53
C MET A 414 -5.23 10.56 11.21
N ALA A 415 -5.16 10.62 12.53
CA ALA A 415 -4.40 9.63 13.30
C ALA A 415 -4.96 8.22 13.18
N LEU A 416 -6.30 8.10 13.20
CA LEU A 416 -6.95 6.81 13.10
C LEU A 416 -6.51 6.08 11.82
N ASP A 417 -6.11 6.84 10.81
CA ASP A 417 -5.67 6.24 9.57
C ASP A 417 -4.14 6.10 9.53
N LYS A 418 -3.44 7.22 9.63
CA LYS A 418 -1.99 7.24 9.54
C LYS A 418 -1.19 6.59 10.69
N ILE A 419 -1.55 6.90 11.94
CA ILE A 419 -0.83 6.32 13.08
C ILE A 419 -1.15 4.84 13.30
N ALA A 420 -2.43 4.50 13.19
CA ALA A 420 -2.83 3.10 13.39
C ALA A 420 -2.16 2.18 12.37
N PHE A 421 -1.91 2.72 11.18
CA PHE A 421 -1.31 1.93 10.11
C PHE A 421 0.18 1.61 10.30
N ILE A 422 0.88 2.47 11.05
CA ILE A 422 2.31 2.28 11.27
C ILE A 422 2.66 0.87 11.75
N PRO A 423 2.09 0.42 12.88
CA PRO A 423 2.44 -0.93 13.33
C PRO A 423 2.01 -2.05 12.39
N PHE A 424 0.84 -1.90 11.76
CA PHE A 424 0.38 -2.94 10.83
C PHE A 424 1.30 -3.04 9.63
N SER A 425 1.66 -1.90 9.05
CA SER A 425 2.51 -1.88 7.88
C SER A 425 3.92 -2.42 8.19
N TYR A 426 4.34 -2.30 9.44
CA TYR A 426 5.64 -2.78 9.86
C TYR A 426 5.61 -4.31 10.02
N LEU A 427 4.52 -4.79 10.59
CA LEU A 427 4.28 -6.19 10.88
C LEU A 427 4.22 -7.19 9.71
N VAL A 428 3.52 -6.83 8.64
CA VAL A 428 3.37 -7.74 7.51
C VAL A 428 4.65 -8.39 7.00
N ASP A 429 5.64 -7.59 6.62
CA ASP A 429 6.87 -8.18 6.11
C ASP A 429 7.80 -8.68 7.21
N GLN A 430 7.55 -8.30 8.46
CA GLN A 430 8.39 -8.84 9.53
C GLN A 430 8.04 -10.33 9.52
N TRP A 431 6.75 -10.61 9.35
CA TRP A 431 6.25 -11.97 9.29
C TRP A 431 6.79 -12.67 8.04
N ARG A 432 6.60 -12.06 6.88
CA ARG A 432 7.07 -12.67 5.62
C ARG A 432 8.58 -12.86 5.53
N TRP A 433 9.36 -11.92 6.05
CA TRP A 433 10.81 -12.07 6.00
C TRP A 433 11.22 -13.30 6.78
N ARG A 434 10.50 -13.54 7.88
CA ARG A 434 10.79 -14.69 8.73
C ARG A 434 10.28 -16.00 8.13
N VAL A 435 9.26 -15.91 7.30
CA VAL A 435 8.73 -17.08 6.61
C VAL A 435 9.76 -17.41 5.53
N PHE A 436 10.17 -16.40 4.78
CA PHE A 436 11.14 -16.57 3.70
C PHE A 436 12.49 -17.10 4.20
N ASP A 437 12.98 -16.60 5.33
CA ASP A 437 14.26 -17.07 5.84
C ASP A 437 14.19 -18.38 6.62
N GLY A 438 13.01 -19.00 6.63
CA GLY A 438 12.86 -20.28 7.31
C GLY A 438 12.57 -20.25 8.81
N SER A 439 12.60 -19.06 9.42
CA SER A 439 12.32 -18.94 10.86
C SER A 439 10.92 -19.42 11.21
N ILE A 440 9.96 -19.19 10.32
CA ILE A 440 8.58 -19.59 10.53
C ILE A 440 8.20 -20.68 9.54
N THR A 441 7.85 -21.86 10.05
CA THR A 441 7.46 -22.99 9.23
C THR A 441 5.94 -22.97 9.04
N LYS A 442 5.43 -23.79 8.14
CA LYS A 442 3.99 -23.81 7.90
C LYS A 442 3.24 -24.27 9.15
N GLU A 443 3.94 -24.89 10.08
CA GLU A 443 3.33 -25.33 11.32
C GLU A 443 2.96 -24.11 12.17
N ASN A 444 3.78 -23.06 12.05
CA ASN A 444 3.58 -21.85 12.84
C ASN A 444 3.18 -20.58 12.10
N TYR A 445 2.75 -20.72 10.85
CA TYR A 445 2.32 -19.56 10.08
C TYR A 445 1.43 -18.63 10.90
N ASN A 446 0.24 -19.15 11.22
CA ASN A 446 -0.77 -18.39 11.96
C ASN A 446 -0.36 -17.96 13.34
N GLN A 447 0.17 -18.88 14.13
CA GLN A 447 0.58 -18.55 15.49
C GLN A 447 1.57 -17.38 15.51
N GLU A 448 2.52 -17.36 14.58
CA GLU A 448 3.48 -16.26 14.53
C GLU A 448 2.84 -14.97 14.02
N TRP A 449 1.86 -15.11 13.15
CA TRP A 449 1.15 -13.95 12.62
C TRP A 449 0.50 -13.20 13.80
N TRP A 450 -0.19 -13.94 14.65
CA TRP A 450 -0.84 -13.34 15.80
C TRP A 450 0.12 -12.86 16.88
N SER A 451 1.29 -13.49 17.00
CA SER A 451 2.25 -13.03 17.98
C SER A 451 2.72 -11.64 17.58
N LEU A 452 2.86 -11.43 16.27
CA LEU A 452 3.30 -10.13 15.77
C LEU A 452 2.14 -9.15 15.85
N ARG A 453 0.93 -9.63 15.54
CA ARG A 453 -0.28 -8.79 15.60
C ARG A 453 -0.41 -8.24 17.02
N LEU A 454 -0.12 -9.10 17.99
CA LEU A 454 -0.17 -8.71 19.39
C LEU A 454 1.02 -7.80 19.71
N LYS A 455 2.22 -8.27 19.40
CA LYS A 455 3.43 -7.50 19.70
C LYS A 455 3.45 -6.08 19.15
N TYR A 456 3.08 -5.90 17.89
CA TYR A 456 3.12 -4.56 17.30
C TYR A 456 1.84 -3.73 17.35
N GLN A 457 0.71 -4.36 17.06
CA GLN A 457 -0.57 -3.64 17.07
C GLN A 457 -1.35 -3.69 18.37
N GLY A 458 -1.05 -4.66 19.22
CA GLY A 458 -1.78 -4.78 20.47
C GLY A 458 -3.18 -5.28 20.19
N LEU A 459 -3.31 -6.17 19.22
CA LEU A 459 -4.61 -6.74 18.86
C LEU A 459 -4.63 -8.23 19.15
N CYS A 460 -5.82 -8.77 19.39
CA CYS A 460 -5.99 -10.18 19.66
C CYS A 460 -7.14 -10.68 18.78
N PRO A 461 -7.15 -11.96 18.41
CA PRO A 461 -8.26 -12.43 17.58
C PRO A 461 -9.52 -12.59 18.44
N PRO A 462 -10.68 -12.12 17.94
CA PRO A 462 -11.93 -12.24 18.71
C PRO A 462 -12.33 -13.68 18.96
N VAL A 463 -11.92 -14.56 18.05
CA VAL A 463 -12.22 -15.98 18.16
C VAL A 463 -10.89 -16.71 18.09
N PRO A 464 -10.69 -17.72 18.96
CA PRO A 464 -9.43 -18.48 18.95
C PRO A 464 -9.19 -19.09 17.58
N ARG A 465 -7.95 -19.08 17.12
CA ARG A 465 -7.61 -19.64 15.82
C ARG A 465 -7.36 -21.13 15.92
N THR A 466 -7.63 -21.86 14.84
CA THR A 466 -7.44 -23.31 14.84
C THR A 466 -6.57 -23.81 13.68
N GLN A 467 -6.16 -25.07 13.79
CA GLN A 467 -5.34 -25.71 12.76
C GLN A 467 -6.10 -25.58 11.45
N GLY A 468 -5.41 -25.12 10.42
CA GLY A 468 -6.08 -24.95 9.14
C GLY A 468 -6.30 -23.49 8.85
N ASP A 469 -6.27 -22.66 9.89
CA ASP A 469 -6.44 -21.22 9.69
C ASP A 469 -5.15 -20.62 9.12
N PHE A 470 -5.30 -19.62 8.27
CA PHE A 470 -4.17 -18.93 7.67
C PHE A 470 -4.66 -17.51 7.43
N ASP A 471 -4.81 -16.76 8.51
CA ASP A 471 -5.31 -15.41 8.42
C ASP A 471 -4.49 -14.49 7.50
N PRO A 472 -3.16 -14.71 7.41
CA PRO A 472 -2.40 -13.83 6.51
C PRO A 472 -2.94 -13.90 5.09
N GLY A 473 -3.39 -15.08 4.69
CA GLY A 473 -3.92 -15.26 3.35
C GLY A 473 -5.19 -14.47 3.08
N ALA A 474 -5.78 -13.93 4.15
CA ALA A 474 -7.00 -13.14 4.04
C ALA A 474 -6.68 -11.68 3.76
N LYS A 475 -5.39 -11.38 3.61
CA LYS A 475 -4.93 -10.02 3.31
C LYS A 475 -4.38 -10.07 1.88
N PHE A 476 -4.90 -9.20 1.03
CA PHE A 476 -4.52 -9.14 -0.38
C PHE A 476 -3.05 -9.38 -0.77
N HIS A 477 -2.14 -8.62 -0.18
CA HIS A 477 -0.72 -8.72 -0.52
C HIS A 477 -0.03 -10.06 -0.33
N ILE A 478 -0.55 -10.89 0.57
CA ILE A 478 0.03 -12.20 0.81
C ILE A 478 -0.15 -13.11 -0.41
N PRO A 479 -1.39 -13.48 -0.74
CA PRO A 479 -1.54 -14.35 -1.91
C PRO A 479 -1.12 -13.65 -3.21
N SER A 480 -1.29 -12.33 -3.26
CA SER A 480 -0.93 -11.56 -4.45
C SER A 480 0.57 -11.37 -4.55
N SER A 481 1.27 -11.75 -3.47
CA SER A 481 2.71 -11.64 -3.41
C SER A 481 3.24 -10.25 -3.75
N VAL A 482 2.69 -9.23 -3.09
CA VAL A 482 3.14 -7.85 -3.28
C VAL A 482 3.80 -7.44 -1.96
N PRO A 483 5.08 -7.01 -2.01
CA PRO A 483 5.79 -6.60 -0.79
C PRO A 483 5.00 -5.52 -0.03
N TYR A 484 5.11 -5.52 1.29
CA TYR A 484 4.36 -4.55 2.09
C TYR A 484 5.16 -3.44 2.79
N ILE A 485 6.44 -3.67 3.06
CA ILE A 485 7.22 -2.65 3.75
C ILE A 485 7.17 -1.28 3.05
N ARG A 486 6.90 -1.28 1.75
CA ARG A 486 6.81 -0.04 0.98
C ARG A 486 5.80 0.92 1.61
N TYR A 487 4.72 0.38 2.15
CA TYR A 487 3.67 1.20 2.77
C TYR A 487 4.11 1.81 4.10
N PHE A 488 4.98 1.11 4.83
CA PHE A 488 5.50 1.62 6.10
C PHE A 488 6.40 2.81 5.77
N VAL A 489 7.31 2.59 4.83
CA VAL A 489 8.22 3.64 4.39
C VAL A 489 7.40 4.83 3.89
N SER A 490 6.40 4.54 3.06
CA SER A 490 5.54 5.58 2.51
C SER A 490 4.89 6.47 3.58
N PHE A 491 4.30 5.85 4.59
CA PHE A 491 3.63 6.61 5.63
C PHE A 491 4.57 7.51 6.42
N ILE A 492 5.84 7.11 6.51
CA ILE A 492 6.84 7.91 7.22
C ILE A 492 7.29 9.07 6.35
N ILE A 493 7.75 8.75 5.15
CA ILE A 493 8.27 9.78 4.25
C ILE A 493 7.25 10.76 3.68
N GLN A 494 5.99 10.36 3.59
CA GLN A 494 4.98 11.27 3.04
C GLN A 494 4.81 12.50 3.93
N PHE A 495 5.05 12.35 5.23
CA PHE A 495 4.93 13.50 6.12
C PHE A 495 6.19 14.36 5.95
N GLN A 496 7.30 13.70 5.61
CA GLN A 496 8.54 14.42 5.36
C GLN A 496 8.32 15.27 4.11
N PHE A 497 7.67 14.68 3.10
CA PHE A 497 7.40 15.40 1.85
C PHE A 497 6.44 16.55 2.08
N HIS A 498 5.35 16.28 2.82
CA HIS A 498 4.34 17.29 3.14
C HIS A 498 5.03 18.48 3.82
N GLU A 499 5.83 18.18 4.84
CA GLU A 499 6.55 19.23 5.55
C GLU A 499 7.41 20.06 4.60
N ALA A 500 8.22 19.38 3.79
CA ALA A 500 9.09 20.08 2.86
C ALA A 500 8.30 20.90 1.84
N LEU A 501 7.28 20.30 1.24
CA LEU A 501 6.46 20.99 0.25
C LEU A 501 5.72 22.18 0.83
N CYS A 502 5.23 22.04 2.06
CA CYS A 502 4.51 23.12 2.73
C CYS A 502 5.43 24.30 2.97
N GLN A 503 6.66 24.00 3.40
CA GLN A 503 7.63 25.05 3.64
C GLN A 503 7.94 25.71 2.30
N ALA A 504 7.96 24.91 1.24
CA ALA A 504 8.23 25.42 -0.11
C ALA A 504 7.09 26.32 -0.58
N ALA A 505 5.88 26.04 -0.12
CA ALA A 505 4.71 26.81 -0.48
C ALA A 505 4.58 28.07 0.38
N GLY A 506 5.43 28.18 1.39
CA GLY A 506 5.39 29.36 2.26
C GLY A 506 4.45 29.24 3.45
N HIS A 507 3.96 28.04 3.72
CA HIS A 507 3.05 27.83 4.84
C HIS A 507 3.72 28.11 6.18
N THR A 508 3.01 28.81 7.06
CA THR A 508 3.52 29.11 8.38
C THR A 508 2.51 28.58 9.38
N GLY A 509 2.96 28.27 10.59
CA GLY A 509 2.06 27.76 11.60
C GLY A 509 2.00 26.24 11.59
N PRO A 510 1.09 25.64 12.37
CA PRO A 510 0.95 24.19 12.46
C PRO A 510 1.02 23.49 11.10
N LEU A 511 1.81 22.44 11.03
CA LEU A 511 1.96 21.69 9.80
C LEU A 511 0.64 21.06 9.34
N HIS A 512 -0.14 20.55 10.29
CA HIS A 512 -1.39 19.89 9.93
C HIS A 512 -2.43 20.82 9.29
N LYS A 513 -2.18 22.13 9.33
CA LYS A 513 -3.11 23.09 8.73
C LYS A 513 -2.72 23.46 7.31
N CYS A 514 -1.59 22.92 6.85
CA CYS A 514 -1.12 23.23 5.50
C CYS A 514 -1.90 22.58 4.38
N ASP A 515 -2.10 23.33 3.29
CA ASP A 515 -2.79 22.87 2.10
C ASP A 515 -1.93 23.37 0.95
N ILE A 516 -1.27 22.45 0.24
CA ILE A 516 -0.39 22.82 -0.85
C ILE A 516 -1.09 23.00 -2.19
N TYR A 517 -2.40 23.05 -2.18
CA TYR A 517 -3.15 23.19 -3.42
C TYR A 517 -2.68 24.37 -4.26
N GLN A 518 -2.49 24.13 -5.55
CA GLN A 518 -2.05 25.15 -6.51
C GLN A 518 -0.62 25.66 -6.34
N SER A 519 0.15 25.06 -5.43
CA SER A 519 1.53 25.49 -5.23
C SER A 519 2.45 24.99 -6.33
N LYS A 520 3.05 25.92 -7.07
CA LYS A 520 3.95 25.54 -8.14
C LYS A 520 5.32 25.15 -7.59
N GLU A 521 5.75 25.79 -6.51
CA GLU A 521 7.04 25.45 -5.90
C GLU A 521 7.02 23.99 -5.44
N ALA A 522 5.86 23.57 -4.93
CA ALA A 522 5.68 22.21 -4.44
C ALA A 522 5.73 21.22 -5.59
N GLY A 523 4.93 21.46 -6.62
CA GLY A 523 4.90 20.58 -7.75
C GLY A 523 6.27 20.44 -8.38
N GLN A 524 7.06 21.50 -8.33
CA GLN A 524 8.40 21.49 -8.92
C GLN A 524 9.35 20.52 -8.22
N ARG A 525 9.33 20.51 -6.89
CA ARG A 525 10.21 19.61 -6.16
C ARG A 525 9.82 18.16 -6.39
N LEU A 526 8.52 17.87 -6.39
CA LEU A 526 8.08 16.50 -6.62
C LEU A 526 8.49 16.08 -8.03
N ALA A 527 8.24 16.97 -8.99
CA ALA A 527 8.56 16.70 -10.38
C ALA A 527 10.03 16.36 -10.63
N THR A 528 10.93 17.20 -10.15
CA THR A 528 12.34 16.94 -10.37
C THR A 528 12.75 15.61 -9.74
N ALA A 529 12.15 15.27 -8.60
CA ALA A 529 12.48 14.02 -7.94
C ALA A 529 11.92 12.82 -8.70
N MET A 530 10.67 12.91 -9.11
CA MET A 530 10.04 11.82 -9.84
C MET A 530 10.71 11.54 -11.17
N LYS A 531 11.22 12.60 -11.80
CA LYS A 531 11.89 12.46 -13.09
C LYS A 531 13.11 11.54 -13.02
N LEU A 532 13.74 11.46 -11.85
CA LEU A 532 14.91 10.60 -11.69
C LEU A 532 14.55 9.13 -11.81
N GLY A 533 13.28 8.80 -11.58
CA GLY A 533 12.88 7.41 -11.65
C GLY A 533 13.78 6.62 -10.69
N PHE A 534 14.33 5.52 -11.19
CA PHE A 534 15.21 4.68 -10.39
C PHE A 534 16.65 4.82 -10.90
N SER A 535 16.95 5.97 -11.50
CA SER A 535 18.28 6.22 -12.06
C SER A 535 19.38 6.51 -11.04
N ARG A 536 18.99 6.82 -9.80
CA ARG A 536 19.95 7.13 -8.74
C ARG A 536 19.47 6.58 -7.40
N PRO A 537 20.41 6.35 -6.45
CA PRO A 537 20.00 5.82 -5.14
C PRO A 537 18.95 6.79 -4.59
N TRP A 538 17.95 6.26 -3.89
CA TRP A 538 16.87 7.09 -3.37
C TRP A 538 17.26 8.30 -2.50
N PRO A 539 18.36 8.23 -1.73
CA PRO A 539 18.68 9.42 -0.91
C PRO A 539 18.83 10.71 -1.73
N GLU A 540 19.12 10.58 -3.02
CA GLU A 540 19.24 11.76 -3.86
C GLU A 540 17.86 12.37 -4.08
N ALA A 541 16.87 11.54 -4.35
CA ALA A 541 15.50 12.02 -4.55
C ALA A 541 15.01 12.59 -3.21
N MET A 542 15.36 11.93 -2.11
CA MET A 542 14.95 12.41 -0.79
C MET A 542 15.51 13.81 -0.59
N GLN A 543 16.78 13.98 -0.95
CA GLN A 543 17.46 15.27 -0.82
C GLN A 543 16.78 16.33 -1.67
N LEU A 544 16.51 15.99 -2.93
CA LEU A 544 15.85 16.93 -3.85
C LEU A 544 14.53 17.45 -3.28
N ILE A 545 13.78 16.57 -2.63
CA ILE A 545 12.49 16.98 -2.09
C ILE A 545 12.58 17.68 -0.74
N THR A 546 13.32 17.10 0.20
CA THR A 546 13.42 17.62 1.55
C THR A 546 14.64 18.43 1.98
N GLY A 547 15.70 18.43 1.17
CA GLY A 547 16.88 19.18 1.55
C GLY A 547 17.84 18.38 2.43
N GLN A 548 17.48 17.13 2.69
CA GLN A 548 18.32 16.25 3.49
C GLN A 548 18.19 14.85 2.88
N PRO A 549 19.08 13.91 3.23
CA PRO A 549 19.01 12.57 2.64
C PRO A 549 18.40 11.37 3.36
N ASN A 550 18.07 11.49 4.63
CA ASN A 550 17.55 10.34 5.36
C ASN A 550 16.05 10.27 5.55
N MET A 551 15.59 9.11 6.01
CA MET A 551 14.19 8.91 6.33
C MET A 551 14.13 9.43 7.76
N SER A 552 13.02 10.04 8.13
CA SER A 552 12.88 10.57 9.48
C SER A 552 11.43 10.64 9.90
N ALA A 553 11.18 10.34 11.18
CA ALA A 553 9.84 10.35 11.75
C ALA A 553 9.49 11.72 12.33
N SER A 554 10.44 12.66 12.29
CA SER A 554 10.22 14.00 12.82
C SER A 554 9.04 14.73 12.21
N ALA A 555 8.91 14.67 10.89
CA ALA A 555 7.80 15.35 10.21
C ALA A 555 6.45 14.80 10.71
N MET A 556 6.32 13.48 10.72
CA MET A 556 5.08 12.86 11.18
C MET A 556 4.81 13.22 12.64
N LEU A 557 5.86 13.22 13.46
CA LEU A 557 5.70 13.56 14.88
C LEU A 557 5.25 15.01 15.05
N SER A 558 5.89 15.91 14.31
CA SER A 558 5.57 17.32 14.35
C SER A 558 4.11 17.53 13.93
N TYR A 559 3.70 16.85 12.87
CA TYR A 559 2.34 16.95 12.36
C TYR A 559 1.32 16.62 13.47
N PHE A 560 1.57 15.54 14.20
CA PHE A 560 0.66 15.09 15.25
C PHE A 560 0.95 15.58 16.67
N LYS A 561 1.99 16.38 16.84
CA LYS A 561 2.34 16.87 18.18
C LYS A 561 1.15 17.31 19.02
N PRO A 562 0.29 18.20 18.49
CA PRO A 562 -0.88 18.65 19.25
C PRO A 562 -1.73 17.49 19.74
N LEU A 563 -1.88 16.47 18.92
CA LEU A 563 -2.68 15.31 19.29
C LEU A 563 -1.97 14.48 20.35
N LEU A 564 -0.66 14.32 20.22
CA LEU A 564 0.10 13.57 21.21
C LEU A 564 -0.10 14.20 22.59
N ASP A 565 -0.01 15.53 22.64
CA ASP A 565 -0.19 16.27 23.89
C ASP A 565 -1.60 16.07 24.44
N TRP A 566 -2.60 16.15 23.57
CA TRP A 566 -3.98 15.98 24.00
C TRP A 566 -4.19 14.57 24.53
N LEU A 567 -3.70 13.58 23.78
CA LEU A 567 -3.84 12.18 24.15
C LEU A 567 -3.20 11.84 25.50
N ARG A 568 -2.00 12.36 25.75
CA ARG A 568 -1.34 12.09 27.01
C ARG A 568 -2.16 12.61 28.18
N THR A 569 -2.68 13.83 28.05
CA THR A 569 -3.50 14.43 29.10
C THR A 569 -4.78 13.64 29.31
N GLU A 570 -5.45 13.30 28.22
CA GLU A 570 -6.69 12.52 28.26
C GLU A 570 -6.46 11.15 28.89
N ASN A 571 -5.45 10.42 28.40
CA ASN A 571 -5.16 9.10 28.94
C ASN A 571 -4.73 9.17 30.41
N GLU A 572 -3.99 10.22 30.74
CA GLU A 572 -3.52 10.40 32.11
C GLU A 572 -4.66 10.60 33.10
N LEU A 573 -5.60 11.47 32.78
CA LEU A 573 -6.70 11.71 33.71
C LEU A 573 -7.62 10.50 33.84
N HIS A 574 -7.60 9.62 32.84
CA HIS A 574 -8.43 8.40 32.88
C HIS A 574 -7.63 7.24 33.47
N GLY A 575 -6.36 7.51 33.77
CA GLY A 575 -5.49 6.50 34.36
C GLY A 575 -5.25 5.27 33.50
N GLU A 576 -5.08 5.48 32.20
CA GLU A 576 -4.84 4.34 31.31
C GLU A 576 -3.45 3.76 31.51
N LYS A 577 -3.37 2.44 31.37
CA LYS A 577 -2.11 1.72 31.47
C LYS A 577 -1.74 1.41 30.03
N LEU A 578 -0.79 2.18 29.48
CA LEU A 578 -0.38 2.01 28.08
C LEU A 578 0.20 0.64 27.79
N GLY A 579 0.00 0.17 26.57
CA GLY A 579 0.52 -1.14 26.22
C GLY A 579 -0.46 -2.23 26.63
N TRP A 580 0.02 -3.47 26.68
CA TRP A 580 -0.84 -4.58 27.03
C TRP A 580 -0.15 -5.73 27.74
N PRO A 581 -0.11 -5.68 29.09
CA PRO A 581 0.52 -6.76 29.85
C PRO A 581 -0.32 -8.03 29.70
N GLN A 582 -1.50 -7.99 30.11
#